data_7A64
#
_entry.id   7A64
#
_entity_poly.entity_id   1
_entity_poly.type   'polypeptide(L)'
_entity_poly.pdbx_seq_one_letter_code
;YCQKFLWTCDSERPCCEGLVCRLWCKIN(NH2)
;
_entity_poly.pdbx_strand_id   A
#
loop_
_chem_comp.id
_chem_comp.type
_chem_comp.name
_chem_comp.formula
NH2 non-polymer 'AMINO GROUP' 'H2 N'
#
# COMPACT_ATOMS: atom_id res chain seq x y z
N TYR A 1 -9.68 -1.34 -5.64
CA TYR A 1 -9.42 -1.62 -4.23
C TYR A 1 -8.17 -0.92 -3.82
N CYS A 2 -7.88 -0.92 -2.55
CA CYS A 2 -6.62 -0.44 -2.07
C CYS A 2 -5.59 -1.52 -2.31
N GLN A 3 -4.34 -1.19 -2.23
CA GLN A 3 -3.33 -2.16 -2.45
C GLN A 3 -3.07 -2.88 -1.17
N LYS A 4 -3.01 -4.18 -1.30
CA LYS A 4 -2.75 -5.09 -0.23
C LYS A 4 -1.28 -4.93 0.14
N PHE A 5 -0.90 -5.47 1.28
CA PHE A 5 0.45 -5.36 1.82
C PHE A 5 1.57 -5.61 0.76
N LEU A 6 1.67 -6.81 0.28
CA LEU A 6 2.71 -7.15 -0.68
C LEU A 6 2.41 -6.62 -2.09
N TRP A 7 1.22 -6.09 -2.24
CA TRP A 7 0.80 -5.45 -3.45
C TRP A 7 1.42 -4.08 -3.49
N THR A 8 2.51 -3.97 -4.22
CA THR A 8 3.21 -2.72 -4.39
C THR A 8 2.25 -1.62 -4.84
N CYS A 9 2.30 -0.54 -4.15
CA CYS A 9 1.44 0.57 -4.40
C CYS A 9 2.22 1.65 -5.10
N ASP A 10 1.53 2.48 -5.78
CA ASP A 10 2.09 3.66 -6.35
C ASP A 10 1.41 4.77 -5.66
N SER A 11 1.90 5.97 -5.74
CA SER A 11 1.25 7.09 -5.10
C SER A 11 -0.07 7.46 -5.83
N GLU A 12 -0.37 6.71 -6.88
CA GLU A 12 -1.56 6.90 -7.66
C GLU A 12 -2.59 5.86 -7.22
N ARG A 13 -2.10 4.83 -6.54
CA ARG A 13 -2.92 3.74 -6.09
C ARG A 13 -2.91 3.67 -4.57
N PRO A 14 -4.07 3.89 -3.94
CA PRO A 14 -4.19 4.00 -2.48
C PRO A 14 -3.89 2.71 -1.71
N CYS A 15 -3.27 2.86 -0.57
CA CYS A 15 -3.05 1.77 0.33
C CYS A 15 -4.21 1.67 1.27
N CYS A 16 -4.46 0.46 1.73
CA CYS A 16 -5.53 0.18 2.68
C CYS A 16 -5.34 0.97 3.99
N GLU A 17 -6.42 1.09 4.75
CA GLU A 17 -6.41 1.88 5.97
C GLU A 17 -5.52 1.25 7.05
N GLY A 18 -4.49 1.97 7.42
CA GLY A 18 -3.53 1.47 8.39
C GLY A 18 -2.24 1.09 7.71
N LEU A 19 -2.24 1.19 6.39
CA LEU A 19 -1.11 0.89 5.58
C LEU A 19 -0.56 2.16 4.95
N VAL A 20 0.73 2.23 4.81
CA VAL A 20 1.43 3.36 4.22
C VAL A 20 1.96 2.98 2.85
N CYS A 21 1.95 3.91 1.93
CA CYS A 21 2.39 3.60 0.59
C CYS A 21 3.88 3.84 0.40
N ARG A 22 4.66 2.90 0.90
CA ARG A 22 6.10 2.86 0.71
C ARG A 22 6.35 2.16 -0.65
N LEU A 23 7.61 1.76 -0.96
CA LEU A 23 7.93 0.83 -2.10
C LEU A 23 6.79 -0.18 -2.35
N TRP A 24 6.38 -0.82 -1.28
CA TRP A 24 5.23 -1.68 -1.31
C TRP A 24 4.33 -1.19 -0.19
N CYS A 25 3.16 -1.73 -0.07
CA CYS A 25 2.23 -1.24 0.91
C CYS A 25 2.62 -1.79 2.27
N LYS A 26 3.02 -0.95 3.17
CA LYS A 26 3.45 -1.42 4.45
C LYS A 26 2.43 -1.15 5.51
N ILE A 27 2.27 -2.09 6.40
CA ILE A 27 1.37 -1.93 7.50
C ILE A 27 2.07 -1.11 8.58
N ASN A 28 1.31 -0.41 9.38
CA ASN A 28 1.90 0.31 10.50
C ASN A 28 2.30 -0.70 11.57
N NH2 A 29 3.53 -1.10 11.55
HN1 NH2 A 29 4.17 -0.68 10.92
HN2 NH2 A 29 4.03 -2.13 12.44
N TYR A 1 -9.20 1.27 -4.78
CA TYR A 1 -8.93 -0.07 -4.30
C TYR A 1 -7.61 -0.03 -3.60
N CYS A 2 -7.55 -0.52 -2.38
CA CYS A 2 -6.32 -0.47 -1.66
C CYS A 2 -5.51 -1.74 -1.88
N GLN A 3 -4.21 -1.58 -1.94
CA GLN A 3 -3.33 -2.68 -2.18
C GLN A 3 -2.97 -3.35 -0.87
N LYS A 4 -2.66 -4.59 -0.98
CA LYS A 4 -2.28 -5.42 0.14
C LYS A 4 -0.81 -5.29 0.40
N PHE A 5 -0.40 -5.76 1.55
CA PHE A 5 1.00 -5.72 2.01
C PHE A 5 2.03 -6.00 0.89
N LEU A 6 2.07 -7.21 0.40
CA LEU A 6 3.04 -7.55 -0.62
C LEU A 6 2.66 -7.02 -2.00
N TRP A 7 1.47 -6.50 -2.10
CA TRP A 7 0.96 -5.92 -3.31
C TRP A 7 1.44 -4.51 -3.43
N THR A 8 2.56 -4.35 -4.09
CA THR A 8 3.14 -3.04 -4.33
C THR A 8 2.08 -2.05 -4.89
N CYS A 9 2.07 -0.88 -4.33
CA CYS A 9 1.11 0.14 -4.69
C CYS A 9 1.78 1.22 -5.51
N ASP A 10 0.99 1.93 -6.28
CA ASP A 10 1.49 3.07 -7.04
C ASP A 10 1.41 4.25 -6.13
N SER A 11 2.22 5.27 -6.37
CA SER A 11 2.19 6.48 -5.54
C SER A 11 0.88 7.27 -5.80
N GLU A 12 0.14 6.82 -6.78
CA GLU A 12 -1.11 7.40 -7.18
C GLU A 12 -2.27 6.63 -6.54
N ARG A 13 -1.96 5.54 -5.89
CA ARG A 13 -2.98 4.67 -5.36
C ARG A 13 -2.87 4.58 -3.84
N PRO A 14 -3.97 4.79 -3.10
CA PRO A 14 -3.95 4.68 -1.64
C PRO A 14 -3.85 3.21 -1.19
N CYS A 15 -3.20 2.99 -0.08
CA CYS A 15 -3.05 1.67 0.42
C CYS A 15 -4.08 1.43 1.53
N CYS A 16 -4.25 0.18 1.92
CA CYS A 16 -5.19 -0.21 2.95
C CYS A 16 -4.84 0.45 4.29
N GLU A 17 -5.83 0.55 5.16
CA GLU A 17 -5.71 1.21 6.45
C GLU A 17 -4.66 0.55 7.32
N GLY A 18 -3.66 1.32 7.66
CA GLY A 18 -2.61 0.83 8.52
C GLY A 18 -1.40 0.42 7.71
N LEU A 19 -1.52 0.50 6.42
CA LEU A 19 -0.45 0.16 5.55
C LEU A 19 0.11 1.41 4.90
N VAL A 20 1.41 1.44 4.75
CA VAL A 20 2.11 2.55 4.17
C VAL A 20 2.37 2.23 2.72
N CYS A 21 2.05 3.15 1.85
CA CYS A 21 2.25 2.96 0.44
C CYS A 21 3.69 3.35 0.05
N ARG A 22 4.63 2.62 0.60
CA ARG A 22 6.04 2.79 0.29
C ARG A 22 6.31 1.95 -1.00
N LEU A 23 7.59 1.58 -1.26
CA LEU A 23 7.97 0.59 -2.32
C LEU A 23 6.90 -0.49 -2.51
N TRP A 24 6.41 -1.01 -1.41
CA TRP A 24 5.30 -1.91 -1.38
C TRP A 24 4.49 -1.47 -0.17
N CYS A 25 3.34 -2.05 0.05
CA CYS A 25 2.57 -1.66 1.19
C CYS A 25 3.10 -2.31 2.45
N LYS A 26 3.62 -1.52 3.32
CA LYS A 26 4.16 -2.04 4.52
C LYS A 26 3.29 -1.74 5.69
N ILE A 27 3.06 -2.74 6.49
CA ILE A 27 2.18 -2.66 7.60
C ILE A 27 2.76 -1.78 8.70
N ASN A 28 2.06 -0.74 9.00
CA ASN A 28 2.40 0.13 10.09
C ASN A 28 1.52 -0.29 11.26
N NH2 A 29 0.34 -0.75 10.88
HN1 NH2 A 29 0.10 -0.71 9.93
HN2 NH2 A 29 -0.66 -1.26 11.79
N TYR A 1 -9.99 -2.12 -3.24
CA TYR A 1 -9.63 -0.88 -3.93
C TYR A 1 -8.13 -0.60 -3.81
N CYS A 2 -7.51 -1.05 -2.74
CA CYS A 2 -6.14 -0.69 -2.45
C CYS A 2 -5.20 -1.78 -2.93
N GLN A 3 -3.92 -1.54 -2.77
CA GLN A 3 -2.93 -2.52 -3.03
C GLN A 3 -2.74 -3.36 -1.79
N LYS A 4 -2.49 -4.63 -2.02
CA LYS A 4 -2.25 -5.58 -0.97
C LYS A 4 -0.86 -5.34 -0.38
N PHE A 5 -0.60 -5.92 0.78
CA PHE A 5 0.66 -5.77 1.49
C PHE A 5 1.92 -5.86 0.59
N LEU A 6 2.18 -7.01 -0.01
CA LEU A 6 3.38 -7.14 -0.83
C LEU A 6 3.33 -6.35 -2.14
N TRP A 7 2.19 -5.79 -2.43
CA TRP A 7 1.98 -5.02 -3.62
C TRP A 7 2.43 -3.62 -3.36
N THR A 8 3.34 -3.19 -4.14
CA THR A 8 3.77 -1.83 -4.07
C THR A 8 2.65 -0.90 -4.58
N CYS A 9 2.57 0.24 -3.96
CA CYS A 9 1.55 1.21 -4.25
C CYS A 9 1.98 2.13 -5.37
N ASP A 10 1.05 2.47 -6.21
CA ASP A 10 1.33 3.36 -7.31
C ASP A 10 0.78 4.71 -6.97
N SER A 11 0.91 5.63 -7.87
CA SER A 11 0.39 6.95 -7.63
C SER A 11 -1.14 6.99 -7.84
N GLU A 12 -1.69 5.98 -8.50
CA GLU A 12 -3.10 5.94 -8.75
C GLU A 12 -3.75 5.01 -7.74
N ARG A 13 -2.99 4.06 -7.27
CA ARG A 13 -3.51 3.09 -6.38
C ARG A 13 -2.82 3.15 -5.03
N PRO A 14 -3.57 3.53 -4.00
CA PRO A 14 -3.06 3.66 -2.63
C PRO A 14 -3.15 2.34 -1.85
N CYS A 15 -2.51 2.31 -0.72
CA CYS A 15 -2.55 1.15 0.15
C CYS A 15 -3.79 1.28 1.04
N CYS A 16 -4.16 0.21 1.70
CA CYS A 16 -5.31 0.25 2.61
C CYS A 16 -4.99 0.94 3.91
N GLU A 17 -6.02 1.14 4.71
CA GLU A 17 -5.89 1.74 6.02
C GLU A 17 -5.05 0.82 6.87
N GLY A 18 -4.01 1.34 7.46
CA GLY A 18 -3.12 0.51 8.23
C GLY A 18 -1.98 -0.03 7.39
N LEU A 19 -2.01 0.34 6.13
CA LEU A 19 -0.98 0.01 5.20
C LEU A 19 -0.37 1.29 4.68
N VAL A 20 0.90 1.44 4.90
CA VAL A 20 1.63 2.64 4.50
C VAL A 20 2.27 2.44 3.13
N CYS A 21 2.21 3.48 2.31
CA CYS A 21 2.68 3.44 0.94
C CYS A 21 4.20 3.67 0.86
N ARG A 22 4.93 2.76 1.45
CA ARG A 22 6.39 2.75 1.37
C ARG A 22 6.83 2.02 0.09
N LEU A 23 8.11 1.55 0.06
CA LEU A 23 8.65 0.62 -1.00
C LEU A 23 7.55 -0.30 -1.56
N TRP A 24 6.82 -0.88 -0.63
CA TRP A 24 5.66 -1.67 -0.93
C TRP A 24 4.67 -1.30 0.18
N CYS A 25 3.42 -1.72 0.10
CA CYS A 25 2.47 -1.37 1.14
C CYS A 25 2.78 -2.13 2.44
N LYS A 26 3.20 -1.43 3.45
CA LYS A 26 3.56 -2.08 4.68
C LYS A 26 2.44 -1.98 5.67
N ILE A 27 2.20 -3.03 6.38
CA ILE A 27 1.24 -3.00 7.44
C ILE A 27 1.88 -2.28 8.64
N ASN A 28 1.35 -1.16 9.03
CA ASN A 28 1.96 -0.41 10.12
C ASN A 28 1.32 -0.82 11.43
N NH2 A 29 1.91 -0.41 12.50
HN1 NH2 A 29 2.73 0.13 12.43
HN2 NH2 A 29 1.40 -0.70 13.80
N TYR A 1 -9.50 -1.82 -4.49
CA TYR A 1 -9.61 -0.72 -3.53
C TYR A 1 -8.22 -0.30 -3.11
N CYS A 2 -7.43 -1.24 -2.63
CA CYS A 2 -6.11 -0.93 -2.16
C CYS A 2 -5.15 -2.08 -2.44
N GLN A 3 -3.86 -1.78 -2.41
CA GLN A 3 -2.85 -2.78 -2.61
C GLN A 3 -2.54 -3.43 -1.27
N LYS A 4 -2.22 -4.69 -1.32
CA LYS A 4 -1.90 -5.46 -0.15
C LYS A 4 -0.43 -5.34 0.15
N PHE A 5 -0.03 -5.74 1.33
CA PHE A 5 1.33 -5.63 1.84
C PHE A 5 2.45 -5.87 0.79
N LEU A 6 2.61 -7.08 0.31
CA LEU A 6 3.72 -7.34 -0.62
C LEU A 6 3.46 -6.76 -2.03
N TRP A 7 2.25 -6.27 -2.25
CA TRP A 7 1.90 -5.66 -3.50
C TRP A 7 2.51 -4.28 -3.54
N THR A 8 3.58 -4.15 -4.27
CA THR A 8 4.17 -2.87 -4.55
C THR A 8 3.09 -1.89 -5.02
N CYS A 9 2.99 -0.80 -4.34
CA CYS A 9 1.96 0.15 -4.58
C CYS A 9 2.48 1.31 -5.40
N ASP A 10 1.61 1.90 -6.17
CA ASP A 10 1.96 3.08 -6.94
C ASP A 10 1.73 4.26 -6.04
N SER A 11 2.33 5.38 -6.35
CA SER A 11 2.12 6.58 -5.57
C SER A 11 0.71 7.11 -5.83
N GLU A 12 0.15 6.71 -6.96
CA GLU A 12 -1.19 7.08 -7.37
C GLU A 12 -2.20 6.05 -6.84
N ARG A 13 -1.70 5.00 -6.23
CA ARG A 13 -2.55 3.90 -5.80
C ARG A 13 -2.63 3.91 -4.28
N PRO A 14 -3.82 3.84 -3.71
CA PRO A 14 -3.97 3.85 -2.26
C PRO A 14 -3.66 2.48 -1.61
N CYS A 15 -3.05 2.53 -0.45
CA CYS A 15 -2.82 1.36 0.35
C CYS A 15 -3.97 1.13 1.30
N CYS A 16 -4.11 -0.10 1.75
CA CYS A 16 -5.18 -0.47 2.65
C CYS A 16 -5.06 0.23 4.02
N GLU A 17 -6.14 0.21 4.78
CA GLU A 17 -6.20 0.85 6.09
C GLU A 17 -5.16 0.24 7.03
N GLY A 18 -4.23 1.06 7.46
CA GLY A 18 -3.18 0.61 8.35
C GLY A 18 -1.91 0.27 7.60
N LEU A 19 -1.92 0.48 6.31
CA LEU A 19 -0.79 0.22 5.46
C LEU A 19 -0.27 1.52 4.84
N VAL A 20 1.03 1.65 4.83
CA VAL A 20 1.72 2.84 4.29
C VAL A 20 2.28 2.48 2.93
N CYS A 21 2.14 3.36 1.99
CA CYS A 21 2.60 3.08 0.65
C CYS A 21 4.02 3.55 0.43
N ARG A 22 4.95 2.83 1.03
CA ARG A 22 6.36 3.05 0.82
C ARG A 22 6.75 2.25 -0.46
N LEU A 23 8.05 1.90 -0.62
CA LEU A 23 8.56 0.97 -1.67
C LEU A 23 7.54 -0.14 -2.02
N TRP A 24 6.95 -0.70 -1.01
CA TRP A 24 5.88 -1.64 -1.15
C TRP A 24 4.88 -1.23 -0.09
N CYS A 25 3.73 -1.86 -0.04
CA CYS A 25 2.73 -1.46 0.92
C CYS A 25 3.13 -2.03 2.28
N LYS A 26 3.46 -1.19 3.19
CA LYS A 26 3.97 -1.65 4.45
C LYS A 26 2.91 -1.66 5.50
N ILE A 27 2.83 -2.73 6.24
CA ILE A 27 1.89 -2.82 7.30
C ILE A 27 2.37 -2.02 8.49
N ASN A 28 1.67 -0.96 8.77
CA ASN A 28 1.95 -0.16 9.93
C ASN A 28 1.22 -0.78 11.08
N NH2 A 29 0.02 -1.20 10.81
HN1 NH2 A 29 -0.36 -1.03 9.91
HN2 NH2 A 29 -0.79 -1.90 11.77
N TYR A 1 -9.49 1.42 -4.48
CA TYR A 1 -9.29 0.27 -3.60
C TYR A 1 -7.93 0.36 -2.99
N CYS A 2 -7.69 -0.34 -1.92
CA CYS A 2 -6.39 -0.29 -1.31
C CYS A 2 -5.59 -1.55 -1.59
N GLN A 3 -4.29 -1.43 -1.53
CA GLN A 3 -3.39 -2.52 -1.80
C GLN A 3 -3.11 -3.35 -0.55
N LYS A 4 -2.74 -4.58 -0.78
CA LYS A 4 -2.37 -5.53 0.24
C LYS A 4 -0.90 -5.27 0.56
N PHE A 5 -0.40 -5.81 1.67
CA PHE A 5 0.99 -5.62 2.12
C PHE A 5 2.05 -5.74 0.98
N LEU A 6 2.22 -6.90 0.42
CA LEU A 6 3.22 -7.10 -0.62
C LEU A 6 2.75 -6.58 -1.98
N TRP A 7 1.51 -6.20 -2.07
CA TRP A 7 0.96 -5.57 -3.25
C TRP A 7 1.44 -4.15 -3.33
N THR A 8 2.52 -3.97 -4.04
CA THR A 8 3.10 -2.67 -4.28
C THR A 8 2.05 -1.66 -4.78
N CYS A 9 2.02 -0.54 -4.14
CA CYS A 9 1.07 0.51 -4.42
C CYS A 9 1.65 1.52 -5.40
N ASP A 10 0.81 2.10 -6.22
CA ASP A 10 1.23 3.15 -7.16
C ASP A 10 0.98 4.46 -6.50
N SER A 11 1.29 5.52 -7.19
CA SER A 11 1.02 6.85 -6.67
C SER A 11 -0.49 7.16 -6.81
N GLU A 12 -1.20 6.32 -7.57
CA GLU A 12 -2.62 6.53 -7.81
C GLU A 12 -3.43 5.56 -6.96
N ARG A 13 -2.76 4.57 -6.43
CA ARG A 13 -3.42 3.56 -5.64
C ARG A 13 -2.95 3.61 -4.21
N PRO A 14 -3.85 3.95 -3.29
CA PRO A 14 -3.53 4.07 -1.87
C PRO A 14 -3.45 2.71 -1.18
N CYS A 15 -2.91 2.69 -0.01
CA CYS A 15 -2.79 1.48 0.71
C CYS A 15 -3.82 1.46 1.80
N CYS A 16 -4.16 0.27 2.25
CA CYS A 16 -5.19 0.06 3.27
C CYS A 16 -4.90 0.78 4.58
N GLU A 17 -5.96 1.00 5.36
CA GLU A 17 -5.86 1.63 6.65
C GLU A 17 -5.01 0.78 7.55
N GLY A 18 -3.97 1.35 8.07
CA GLY A 18 -3.07 0.62 8.91
C GLY A 18 -1.82 0.25 8.15
N LEU A 19 -1.79 0.61 6.88
CA LEU A 19 -0.67 0.35 6.01
C LEU A 19 -0.18 1.66 5.37
N VAL A 20 1.09 1.73 5.09
CA VAL A 20 1.71 2.89 4.49
C VAL A 20 2.25 2.53 3.10
N CYS A 21 2.23 3.48 2.20
CA CYS A 21 2.62 3.24 0.83
C CYS A 21 4.09 3.60 0.60
N ARG A 22 4.96 2.68 0.97
CA ARG A 22 6.38 2.77 0.67
C ARG A 22 6.56 2.17 -0.76
N LEU A 23 7.79 1.76 -1.13
CA LEU A 23 8.05 0.90 -2.33
C LEU A 23 6.88 -0.07 -2.58
N TRP A 24 6.49 -0.73 -1.51
CA TRP A 24 5.31 -1.56 -1.47
C TRP A 24 4.58 -1.21 -0.17
N CYS A 25 3.47 -1.83 0.09
CA CYS A 25 2.73 -1.54 1.28
C CYS A 25 3.40 -2.06 2.54
N LYS A 26 3.60 -1.20 3.48
CA LYS A 26 4.19 -1.60 4.73
C LYS A 26 3.14 -1.50 5.81
N ILE A 27 3.16 -2.42 6.73
CA ILE A 27 2.18 -2.43 7.78
C ILE A 27 2.59 -1.54 8.95
N ASN A 28 1.71 -0.62 9.27
CA ASN A 28 1.88 0.23 10.42
C ASN A 28 1.36 -0.53 11.61
N NH2 A 29 0.17 -1.04 11.46
HN1 NH2 A 29 -0.31 -0.90 10.62
HN2 NH2 A 29 -0.45 -1.84 12.50
N TYR A 1 -9.70 1.84 -4.09
CA TYR A 1 -9.22 0.47 -4.02
C TYR A 1 -7.87 0.48 -3.34
N CYS A 2 -7.72 -0.32 -2.32
CA CYS A 2 -6.48 -0.31 -1.59
C CYS A 2 -5.63 -1.50 -1.95
N GLN A 3 -4.34 -1.29 -1.94
CA GLN A 3 -3.39 -2.33 -2.21
C GLN A 3 -3.06 -3.08 -0.93
N LYS A 4 -2.80 -4.36 -1.12
CA LYS A 4 -2.48 -5.30 -0.07
C LYS A 4 -1.01 -5.08 0.32
N PHE A 5 -0.61 -5.65 1.44
CA PHE A 5 0.77 -5.52 1.98
C PHE A 5 1.89 -5.66 0.91
N LEU A 6 2.05 -6.85 0.37
CA LEU A 6 3.10 -7.08 -0.61
C LEU A 6 2.73 -6.52 -1.99
N TRP A 7 1.50 -6.07 -2.11
CA TRP A 7 1.01 -5.45 -3.30
C TRP A 7 1.46 -4.02 -3.32
N THR A 8 2.59 -3.81 -3.95
CA THR A 8 3.16 -2.50 -4.09
C THR A 8 2.15 -1.46 -4.64
N CYS A 9 2.16 -0.32 -4.03
CA CYS A 9 1.23 0.73 -4.32
C CYS A 9 1.73 1.61 -5.44
N ASP A 10 0.81 2.30 -6.05
CA ASP A 10 1.11 3.26 -7.08
C ASP A 10 0.67 4.59 -6.56
N SER A 11 1.02 5.66 -7.21
CA SER A 11 0.68 6.98 -6.71
C SER A 11 -0.80 7.34 -6.93
N GLU A 12 -1.52 6.46 -7.60
CA GLU A 12 -2.93 6.68 -7.83
C GLU A 12 -3.74 5.64 -7.10
N ARG A 13 -3.09 4.56 -6.70
CA ARG A 13 -3.74 3.53 -5.95
C ARG A 13 -3.07 3.41 -4.58
N PRO A 14 -3.79 3.76 -3.52
CA PRO A 14 -3.26 3.76 -2.17
C PRO A 14 -3.35 2.40 -1.49
N CYS A 15 -2.67 2.28 -0.39
CA CYS A 15 -2.70 1.07 0.38
C CYS A 15 -3.86 1.12 1.33
N CYS A 16 -4.26 -0.03 1.81
CA CYS A 16 -5.31 -0.14 2.82
C CYS A 16 -4.89 0.63 4.07
N GLU A 17 -5.84 1.28 4.72
CA GLU A 17 -5.54 2.06 5.93
C GLU A 17 -4.86 1.18 6.97
N GLY A 18 -3.72 1.65 7.44
CA GLY A 18 -2.92 0.90 8.36
C GLY A 18 -1.69 0.38 7.65
N LEU A 19 -1.74 0.45 6.37
CA LEU A 19 -0.67 0.08 5.50
C LEU A 19 -0.22 1.32 4.76
N VAL A 20 1.02 1.68 4.89
CA VAL A 20 1.54 2.88 4.25
C VAL A 20 2.16 2.59 2.90
N CYS A 21 2.01 3.53 2.01
CA CYS A 21 2.51 3.39 0.66
C CYS A 21 4.01 3.74 0.58
N ARG A 22 4.81 2.85 1.11
CA ARG A 22 6.26 2.92 0.97
C ARG A 22 6.58 2.21 -0.39
N LEU A 23 7.84 1.76 -0.59
CA LEU A 23 8.22 0.82 -1.68
C LEU A 23 7.09 -0.16 -2.03
N TRP A 24 6.50 -0.71 -0.99
CA TRP A 24 5.33 -1.54 -1.07
C TRP A 24 4.47 -1.14 0.11
N CYS A 25 3.31 -1.69 0.24
CA CYS A 25 2.44 -1.32 1.33
C CYS A 25 2.90 -1.98 2.62
N LYS A 26 3.36 -1.19 3.55
CA LYS A 26 3.90 -1.72 4.77
C LYS A 26 2.94 -1.53 5.91
N ILE A 27 2.79 -2.54 6.73
CA ILE A 27 1.87 -2.48 7.84
C ILE A 27 2.42 -1.64 8.97
N ASN A 28 1.59 -0.82 9.51
CA ASN A 28 1.94 -0.01 10.65
C ASN A 28 1.70 -0.81 11.91
N NH2 A 29 0.61 -1.53 11.92
HN1 NH2 A 29 0.05 -1.56 11.12
HN2 NH2 A 29 0.22 -2.31 13.08
N TYR A 1 -10.29 -1.89 -3.23
CA TYR A 1 -9.89 -0.52 -3.59
C TYR A 1 -8.39 -0.30 -3.34
N CYS A 2 -7.77 -1.16 -2.56
CA CYS A 2 -6.40 -0.94 -2.16
C CYS A 2 -5.51 -2.13 -2.46
N GLN A 3 -4.22 -1.96 -2.26
CA GLN A 3 -3.27 -2.99 -2.54
C GLN A 3 -2.86 -3.73 -1.26
N LYS A 4 -2.36 -4.93 -1.43
CA LYS A 4 -1.93 -5.77 -0.32
C LYS A 4 -0.51 -5.44 0.08
N PHE A 5 -0.12 -5.91 1.26
CA PHE A 5 1.22 -5.69 1.85
C PHE A 5 2.37 -5.86 0.82
N LEU A 6 2.57 -7.05 0.33
CA LEU A 6 3.68 -7.31 -0.58
C LEU A 6 3.45 -6.76 -1.97
N TRP A 7 2.27 -6.28 -2.23
CA TRP A 7 1.92 -5.68 -3.48
C TRP A 7 2.44 -4.27 -3.47
N THR A 8 3.46 -4.03 -4.24
CA THR A 8 3.98 -2.70 -4.41
C THR A 8 2.89 -1.74 -4.86
N CYS A 9 2.64 -0.77 -4.05
CA CYS A 9 1.59 0.16 -4.28
C CYS A 9 2.00 1.18 -5.30
N ASP A 10 1.10 1.49 -6.18
CA ASP A 10 1.35 2.46 -7.21
C ASP A 10 1.15 3.85 -6.61
N SER A 11 1.51 4.86 -7.34
CA SER A 11 1.45 6.19 -6.84
C SER A 11 0.00 6.72 -6.87
N GLU A 12 -0.82 6.16 -7.74
CA GLU A 12 -2.20 6.61 -7.87
C GLU A 12 -3.13 5.71 -7.09
N ARG A 13 -2.62 4.57 -6.73
CA ARG A 13 -3.42 3.56 -6.07
C ARG A 13 -3.11 3.59 -4.57
N PRO A 14 -4.09 3.92 -3.75
CA PRO A 14 -3.89 4.01 -2.31
C PRO A 14 -3.76 2.63 -1.68
N CYS A 15 -3.10 2.57 -0.57
CA CYS A 15 -2.94 1.34 0.07
C CYS A 15 -4.07 1.17 1.08
N CYS A 16 -4.22 -0.01 1.58
CA CYS A 16 -5.27 -0.30 2.53
C CYS A 16 -5.07 0.48 3.82
N GLU A 17 -6.16 0.72 4.52
CA GLU A 17 -6.14 1.46 5.74
C GLU A 17 -5.34 0.70 6.79
N GLY A 18 -4.35 1.35 7.32
CA GLY A 18 -3.49 0.73 8.27
C GLY A 18 -2.24 0.24 7.60
N LEU A 19 -2.11 0.52 6.34
CA LEU A 19 -0.95 0.22 5.58
C LEU A 19 -0.42 1.50 4.98
N VAL A 20 0.88 1.59 4.92
CA VAL A 20 1.53 2.78 4.41
C VAL A 20 2.12 2.50 3.04
N CYS A 21 1.97 3.44 2.15
CA CYS A 21 2.39 3.24 0.79
C CYS A 21 3.84 3.66 0.57
N ARG A 22 4.73 2.85 1.07
CA ARG A 22 6.15 2.97 0.83
C ARG A 22 6.45 2.25 -0.53
N LEU A 23 7.74 1.93 -0.83
CA LEU A 23 8.14 1.04 -1.97
C LEU A 23 7.07 -0.02 -2.23
N TRP A 24 6.68 -0.69 -1.15
CA TRP A 24 5.60 -1.62 -1.18
C TRP A 24 4.74 -1.27 0.03
N CYS A 25 3.57 -1.83 0.10
CA CYS A 25 2.67 -1.56 1.19
C CYS A 25 3.16 -2.16 2.50
N LYS A 26 3.48 -1.33 3.44
CA LYS A 26 3.91 -1.83 4.71
C LYS A 26 2.77 -1.81 5.70
N ILE A 27 2.72 -2.80 6.54
CA ILE A 27 1.68 -2.90 7.52
C ILE A 27 1.97 -2.03 8.73
N ASN A 28 1.12 -1.09 8.97
CA ASN A 28 1.21 -0.26 10.14
C ASN A 28 0.35 -0.91 11.20
N NH2 A 29 -0.79 -1.41 10.77
HN1 NH2 A 29 -1.05 -1.27 9.83
HN2 NH2 A 29 -1.68 -2.17 11.65
N TYR A 1 -10.82 -0.59 -2.78
CA TYR A 1 -9.69 -1.18 -3.47
C TYR A 1 -8.41 -0.55 -3.03
N CYS A 2 -7.55 -1.36 -2.50
CA CYS A 2 -6.29 -0.92 -2.00
C CYS A 2 -5.24 -1.96 -2.27
N GLN A 3 -4.00 -1.60 -2.13
CA GLN A 3 -2.92 -2.52 -2.31
C GLN A 3 -2.66 -3.22 -0.99
N LYS A 4 -2.47 -4.51 -1.08
CA LYS A 4 -2.18 -5.36 0.05
C LYS A 4 -0.72 -5.18 0.46
N PHE A 5 -0.35 -5.64 1.64
CA PHE A 5 1.01 -5.55 2.19
C PHE A 5 2.13 -5.79 1.12
N LEU A 6 2.21 -6.99 0.60
CA LEU A 6 3.25 -7.30 -0.38
C LEU A 6 2.97 -6.74 -1.76
N TRP A 7 1.80 -6.19 -1.93
CA TRP A 7 1.40 -5.56 -3.15
C TRP A 7 1.99 -4.18 -3.21
N THR A 8 3.09 -4.07 -3.89
CA THR A 8 3.72 -2.81 -4.16
C THR A 8 2.69 -1.78 -4.69
N CYS A 9 2.66 -0.66 -4.04
CA CYS A 9 1.72 0.38 -4.33
C CYS A 9 2.35 1.46 -5.19
N ASP A 10 1.57 2.00 -6.08
CA ASP A 10 1.99 3.08 -6.93
C ASP A 10 1.44 4.38 -6.37
N SER A 11 1.82 5.50 -6.96
CA SER A 11 1.37 6.80 -6.51
C SER A 11 -0.15 6.98 -6.75
N GLU A 12 -0.67 6.27 -7.74
CA GLU A 12 -2.06 6.35 -8.09
C GLU A 12 -2.79 5.13 -7.57
N ARG A 13 -2.11 4.37 -6.76
CA ARG A 13 -2.68 3.22 -6.14
C ARG A 13 -2.68 3.38 -4.64
N PRO A 14 -3.85 3.47 -4.02
CA PRO A 14 -3.94 3.63 -2.59
C PRO A 14 -3.64 2.33 -1.87
N CYS A 15 -2.99 2.40 -0.76
CA CYS A 15 -2.72 1.24 0.00
C CYS A 15 -3.86 1.12 0.98
N CYS A 16 -4.07 -0.04 1.52
CA CYS A 16 -5.09 -0.24 2.52
C CYS A 16 -4.81 0.67 3.71
N GLU A 17 -5.82 1.29 4.27
CA GLU A 17 -5.59 2.22 5.35
C GLU A 17 -5.07 1.49 6.57
N GLY A 18 -4.04 2.04 7.16
CA GLY A 18 -3.34 1.41 8.23
C GLY A 18 -2.00 0.94 7.71
N LEU A 19 -1.90 0.89 6.39
CA LEU A 19 -0.70 0.51 5.72
C LEU A 19 0.00 1.75 5.17
N VAL A 20 1.28 1.62 4.98
CA VAL A 20 2.14 2.70 4.54
C VAL A 20 2.59 2.40 3.12
N CYS A 21 2.54 3.38 2.26
CA CYS A 21 2.86 3.16 0.88
C CYS A 21 4.31 3.53 0.54
N ARG A 22 5.24 2.75 1.06
CA ARG A 22 6.66 2.87 0.68
C ARG A 22 6.88 2.05 -0.59
N LEU A 23 8.13 1.56 -0.84
CA LEU A 23 8.43 0.58 -1.95
C LEU A 23 7.25 -0.37 -2.19
N TRP A 24 6.78 -0.95 -1.12
CA TRP A 24 5.60 -1.75 -1.11
C TRP A 24 4.82 -1.33 0.12
N CYS A 25 3.70 -1.92 0.33
CA CYS A 25 2.86 -1.59 1.45
C CYS A 25 3.36 -2.19 2.76
N LYS A 26 3.65 -1.33 3.70
CA LYS A 26 4.04 -1.77 5.02
C LYS A 26 2.84 -1.78 5.90
N ILE A 27 2.76 -2.73 6.77
CA ILE A 27 1.69 -2.76 7.74
C ILE A 27 2.11 -1.96 8.97
N ASN A 28 1.47 -0.83 9.18
CA ASN A 28 1.81 0.01 10.33
C ASN A 28 1.15 -0.55 11.56
N NH2 A 29 1.88 -1.34 12.27
HN1 NH2 A 29 2.82 -1.50 12.01
HN2 NH2 A 29 1.35 -1.96 13.45
N TYR A 1 -9.51 -3.35 -3.57
CA TYR A 1 -9.49 -1.96 -4.04
C TYR A 1 -8.14 -1.29 -3.72
N CYS A 2 -7.51 -1.71 -2.64
CA CYS A 2 -6.24 -1.15 -2.24
C CYS A 2 -5.15 -2.12 -2.63
N GLN A 3 -3.93 -1.71 -2.52
CA GLN A 3 -2.85 -2.60 -2.73
C GLN A 3 -2.53 -3.31 -1.43
N LYS A 4 -2.48 -4.64 -1.53
CA LYS A 4 -2.16 -5.54 -0.43
C LYS A 4 -0.74 -5.31 0.03
N PHE A 5 -0.40 -5.82 1.20
CA PHE A 5 0.93 -5.67 1.82
C PHE A 5 2.12 -5.75 0.80
N LEU A 6 2.38 -6.90 0.22
CA LEU A 6 3.53 -6.99 -0.68
C LEU A 6 3.25 -6.36 -2.05
N TRP A 7 2.03 -5.98 -2.28
CA TRP A 7 1.63 -5.31 -3.50
C TRP A 7 2.05 -3.86 -3.39
N THR A 8 3.17 -3.54 -3.95
CA THR A 8 3.66 -2.19 -3.97
C THR A 8 2.59 -1.21 -4.52
N CYS A 9 2.40 -0.14 -3.80
CA CYS A 9 1.42 0.87 -4.11
C CYS A 9 1.76 1.63 -5.38
N ASP A 10 0.78 2.21 -5.98
CA ASP A 10 0.94 3.00 -7.18
C ASP A 10 0.62 4.43 -6.80
N SER A 11 0.60 5.31 -7.75
CA SER A 11 0.24 6.68 -7.48
C SER A 11 -1.27 6.84 -7.55
N GLU A 12 -1.94 5.92 -8.22
CA GLU A 12 -3.37 5.95 -8.34
C GLU A 12 -3.99 4.98 -7.39
N ARG A 13 -3.22 4.00 -7.02
CA ARG A 13 -3.72 2.96 -6.18
C ARG A 13 -2.97 2.97 -4.86
N PRO A 14 -3.67 3.28 -3.77
CA PRO A 14 -3.10 3.36 -2.45
C PRO A 14 -3.17 2.03 -1.69
N CYS A 15 -2.46 1.97 -0.62
CA CYS A 15 -2.49 0.84 0.25
C CYS A 15 -3.69 0.99 1.18
N CYS A 16 -4.18 -0.10 1.71
CA CYS A 16 -5.29 -0.06 2.67
C CYS A 16 -4.95 0.79 3.89
N GLU A 17 -5.94 1.36 4.51
CA GLU A 17 -5.76 2.22 5.67
C GLU A 17 -5.10 1.44 6.81
N GLY A 18 -3.92 1.88 7.20
CA GLY A 18 -3.14 1.18 8.21
C GLY A 18 -1.91 0.58 7.57
N LEU A 19 -1.94 0.55 6.26
CA LEU A 19 -0.85 0.11 5.45
C LEU A 19 -0.27 1.32 4.74
N VAL A 20 0.99 1.55 4.93
CA VAL A 20 1.66 2.73 4.43
C VAL A 20 2.28 2.49 3.06
N CYS A 21 2.24 3.51 2.22
CA CYS A 21 2.74 3.43 0.85
C CYS A 21 4.25 3.71 0.77
N ARG A 22 5.01 2.84 1.38
CA ARG A 22 6.45 2.84 1.27
C ARG A 22 6.85 2.07 0.00
N LEU A 23 8.13 1.63 -0.09
CA LEU A 23 8.62 0.67 -1.14
C LEU A 23 7.51 -0.30 -1.58
N TRP A 24 6.81 -0.82 -0.60
CA TRP A 24 5.65 -1.63 -0.81
C TRP A 24 4.70 -1.24 0.33
N CYS A 25 3.52 -1.79 0.36
CA CYS A 25 2.57 -1.42 1.39
C CYS A 25 2.94 -2.12 2.69
N LYS A 26 3.32 -1.36 3.67
CA LYS A 26 3.74 -1.94 4.92
C LYS A 26 2.68 -1.80 5.96
N ILE A 27 2.55 -2.80 6.78
CA ILE A 27 1.61 -2.77 7.87
C ILE A 27 2.18 -1.90 8.99
N ASN A 28 1.54 -0.79 9.23
CA ASN A 28 2.04 0.15 10.21
C ASN A 28 1.58 -0.22 11.59
N NH2 A 29 2.44 -0.87 12.32
HN1 NH2 A 29 3.32 -1.05 11.94
HN2 NH2 A 29 2.14 -1.34 13.65
N TYR A 1 -10.64 -0.37 -2.93
CA TYR A 1 -9.56 -1.20 -3.41
C TYR A 1 -8.28 -0.70 -2.82
N CYS A 2 -7.44 -1.59 -2.40
CA CYS A 2 -6.18 -1.20 -1.87
C CYS A 2 -5.19 -2.23 -2.28
N GLN A 3 -3.93 -1.92 -2.21
CA GLN A 3 -2.95 -2.90 -2.45
C GLN A 3 -2.67 -3.62 -1.14
N LYS A 4 -2.52 -4.91 -1.21
CA LYS A 4 -2.17 -5.72 -0.08
C LYS A 4 -0.74 -5.44 0.30
N PHE A 5 -0.35 -5.87 1.50
CA PHE A 5 1.00 -5.66 2.03
C PHE A 5 2.14 -5.86 0.98
N LEU A 6 2.32 -7.06 0.47
CA LEU A 6 3.42 -7.28 -0.47
C LEU A 6 3.14 -6.72 -1.86
N TRP A 7 1.93 -6.25 -2.08
CA TRP A 7 1.54 -5.66 -3.33
C TRP A 7 2.04 -4.25 -3.37
N THR A 8 3.07 -4.03 -4.11
CA THR A 8 3.59 -2.69 -4.30
C THR A 8 2.52 -1.76 -4.91
N CYS A 9 2.47 -0.57 -4.39
CA CYS A 9 1.51 0.43 -4.77
C CYS A 9 2.17 1.49 -5.64
N ASP A 10 1.36 2.11 -6.50
CA ASP A 10 1.79 3.26 -7.29
C ASP A 10 1.69 4.45 -6.39
N SER A 11 2.23 5.57 -6.79
CA SER A 11 2.10 6.79 -6.00
C SER A 11 0.68 7.38 -6.15
N GLU A 12 -0.10 6.78 -7.04
CA GLU A 12 -1.49 7.13 -7.29
C GLU A 12 -2.39 5.99 -6.79
N ARG A 13 -1.82 5.08 -6.05
CA ARG A 13 -2.54 3.92 -5.60
C ARG A 13 -2.63 3.92 -4.08
N PRO A 14 -3.82 3.78 -3.52
CA PRO A 14 -3.98 3.73 -2.09
C PRO A 14 -3.77 2.33 -1.49
N CYS A 15 -3.14 2.28 -0.35
CA CYS A 15 -3.01 1.05 0.38
C CYS A 15 -4.13 1.03 1.40
N CYS A 16 -4.38 -0.10 2.00
CA CYS A 16 -5.40 -0.22 3.02
C CYS A 16 -5.05 0.58 4.27
N GLU A 17 -6.05 0.91 5.06
CA GLU A 17 -5.86 1.63 6.31
C GLU A 17 -4.84 0.92 7.22
N GLY A 18 -3.80 1.65 7.57
CA GLY A 18 -2.74 1.11 8.39
C GLY A 18 -1.56 0.71 7.56
N LEU A 19 -1.78 0.66 6.27
CA LEU A 19 -0.76 0.33 5.32
C LEU A 19 -0.30 1.61 4.63
N VAL A 20 0.97 1.87 4.70
CA VAL A 20 1.56 3.06 4.11
C VAL A 20 2.19 2.72 2.77
N CYS A 21 2.00 3.58 1.80
CA CYS A 21 2.46 3.33 0.44
C CYS A 21 3.94 3.67 0.26
N ARG A 22 4.78 2.84 0.82
CA ARG A 22 6.21 2.91 0.61
C ARG A 22 6.53 2.14 -0.67
N LEU A 23 7.82 1.75 -0.85
CA LEU A 23 8.26 0.79 -1.91
C LEU A 23 7.16 -0.25 -2.20
N TRP A 24 6.62 -0.81 -1.14
CA TRP A 24 5.48 -1.68 -1.19
C TRP A 24 4.56 -1.22 -0.06
N CYS A 25 3.32 -1.70 0.00
CA CYS A 25 2.42 -1.25 1.06
C CYS A 25 2.85 -1.87 2.39
N LYS A 26 3.29 -1.06 3.30
CA LYS A 26 3.80 -1.56 4.56
C LYS A 26 2.78 -1.46 5.64
N ILE A 27 2.70 -2.47 6.47
CA ILE A 27 1.85 -2.44 7.62
C ILE A 27 2.52 -1.60 8.69
N ASN A 28 1.89 -0.53 9.07
CA ASN A 28 2.46 0.38 10.03
C ASN A 28 1.92 0.09 11.42
N NH2 A 29 0.93 -0.82 11.48
HN1 NH2 A 29 0.60 -1.21 10.64
HN2 NH2 A 29 0.29 -1.27 12.73
N TYR A 1 -9.90 -1.81 -4.19
CA TYR A 1 -9.32 -0.62 -4.77
C TYR A 1 -7.92 -0.35 -4.22
N CYS A 2 -7.60 -0.90 -3.05
CA CYS A 2 -6.30 -0.70 -2.47
C CYS A 2 -5.41 -1.89 -2.71
N GLN A 3 -4.12 -1.68 -2.58
CA GLN A 3 -3.14 -2.73 -2.76
C GLN A 3 -2.90 -3.48 -1.45
N LYS A 4 -2.59 -4.76 -1.60
CA LYS A 4 -2.26 -5.64 -0.48
C LYS A 4 -0.85 -5.39 -0.03
N PHE A 5 -0.49 -5.90 1.14
CA PHE A 5 0.85 -5.73 1.76
C PHE A 5 2.01 -5.79 0.75
N LEU A 6 2.31 -6.94 0.20
CA LEU A 6 3.45 -7.09 -0.69
C LEU A 6 3.23 -6.48 -2.05
N TRP A 7 2.02 -6.03 -2.31
CA TRP A 7 1.69 -5.36 -3.51
C TRP A 7 2.20 -3.96 -3.36
N THR A 8 3.25 -3.67 -4.03
CA THR A 8 3.79 -2.34 -4.00
C THR A 8 2.75 -1.35 -4.51
N CYS A 9 2.57 -0.29 -3.77
CA CYS A 9 1.61 0.71 -4.12
C CYS A 9 2.12 1.50 -5.28
N ASP A 10 1.23 1.86 -6.15
CA ASP A 10 1.58 2.61 -7.31
C ASP A 10 1.33 4.06 -7.00
N SER A 11 1.51 4.89 -7.97
CA SER A 11 1.25 6.29 -7.79
C SER A 11 -0.26 6.54 -7.90
N GLU A 12 -0.96 5.62 -8.55
CA GLU A 12 -2.39 5.74 -8.74
C GLU A 12 -3.15 4.81 -7.81
N ARG A 13 -2.45 3.87 -7.24
CA ARG A 13 -3.05 2.87 -6.38
C ARG A 13 -2.57 3.01 -4.96
N PRO A 14 -3.47 3.36 -4.03
CA PRO A 14 -3.16 3.51 -2.62
C PRO A 14 -3.20 2.18 -1.86
N CYS A 15 -2.69 2.18 -0.66
CA CYS A 15 -2.70 1.01 0.18
C CYS A 15 -3.94 1.02 1.04
N CYS A 16 -4.35 -0.14 1.46
CA CYS A 16 -5.50 -0.29 2.34
C CYS A 16 -5.23 0.40 3.68
N GLU A 17 -6.28 0.76 4.41
CA GLU A 17 -6.11 1.43 5.67
C GLU A 17 -5.48 0.48 6.68
N GLY A 18 -4.51 0.97 7.39
CA GLY A 18 -3.73 0.15 8.26
C GLY A 18 -2.42 -0.20 7.58
N LEU A 19 -2.37 0.09 6.29
CA LEU A 19 -1.22 -0.10 5.48
C LEU A 19 -0.76 1.25 4.95
N VAL A 20 0.53 1.43 4.92
CA VAL A 20 1.12 2.68 4.46
C VAL A 20 1.84 2.48 3.12
N CYS A 21 1.75 3.47 2.25
CA CYS A 21 2.29 3.40 0.89
C CYS A 21 3.80 3.72 0.84
N ARG A 22 4.56 2.88 1.48
CA ARG A 22 6.02 2.95 1.43
C ARG A 22 6.52 2.21 0.18
N LEU A 23 7.79 1.72 0.23
CA LEU A 23 8.40 0.80 -0.78
C LEU A 23 7.33 -0.11 -1.42
N TRP A 24 6.56 -0.71 -0.55
CA TRP A 24 5.40 -1.48 -0.89
C TRP A 24 4.40 -1.18 0.22
N CYS A 25 3.22 -1.75 0.18
CA CYS A 25 2.26 -1.46 1.21
C CYS A 25 2.69 -2.12 2.51
N LYS A 26 3.03 -1.31 3.47
CA LYS A 26 3.51 -1.81 4.72
C LYS A 26 2.44 -1.79 5.74
N ILE A 27 2.35 -2.83 6.51
CA ILE A 27 1.43 -2.85 7.62
C ILE A 27 1.95 -1.87 8.66
N ASN A 28 1.08 -0.95 9.07
CA ASN A 28 1.46 0.10 9.98
C ASN A 28 1.80 -0.44 11.35
N NH2 A 29 3.06 -0.40 11.66
HN1 NH2 A 29 3.68 0.01 11.01
HN2 NH2 A 29 3.59 -0.90 12.90
N TYR A 1 -9.97 -1.69 -3.79
CA TYR A 1 -9.82 -0.99 -2.52
C TYR A 1 -8.47 -0.33 -2.44
N CYS A 2 -7.43 -1.12 -2.50
CA CYS A 2 -6.09 -0.59 -2.33
C CYS A 2 -5.12 -1.65 -2.79
N GLN A 3 -3.85 -1.37 -2.67
CA GLN A 3 -2.82 -2.35 -2.92
C GLN A 3 -2.57 -3.12 -1.62
N LYS A 4 -2.38 -4.41 -1.76
CA LYS A 4 -2.12 -5.33 -0.68
C LYS A 4 -0.75 -5.02 -0.07
N PHE A 5 -0.48 -5.57 1.09
CA PHE A 5 0.80 -5.38 1.80
C PHE A 5 2.04 -5.52 0.87
N LEU A 6 2.30 -6.70 0.32
CA LEU A 6 3.51 -6.85 -0.50
C LEU A 6 3.35 -6.17 -1.87
N TRP A 7 2.16 -5.72 -2.16
CA TRP A 7 1.83 -5.06 -3.39
C TRP A 7 2.21 -3.61 -3.29
N THR A 8 3.32 -3.27 -3.88
CA THR A 8 3.80 -1.92 -3.91
C THR A 8 2.76 -0.94 -4.51
N CYS A 9 2.72 0.24 -3.97
CA CYS A 9 1.77 1.24 -4.37
C CYS A 9 2.29 2.07 -5.55
N ASP A 10 1.38 2.47 -6.41
CA ASP A 10 1.71 3.33 -7.54
C ASP A 10 1.41 4.74 -7.12
N SER A 11 1.71 5.68 -7.97
CA SER A 11 1.36 7.06 -7.70
C SER A 11 -0.15 7.27 -7.93
N GLU A 12 -0.76 6.28 -8.57
CA GLU A 12 -2.17 6.29 -8.84
C GLU A 12 -2.90 5.20 -8.00
N ARG A 13 -2.13 4.38 -7.28
CA ARG A 13 -2.71 3.31 -6.46
C ARG A 13 -2.41 3.51 -4.98
N PRO A 14 -3.44 3.70 -4.16
CA PRO A 14 -3.27 3.89 -2.73
C PRO A 14 -3.19 2.56 -1.95
N CYS A 15 -2.62 2.64 -0.77
CA CYS A 15 -2.58 1.52 0.14
C CYS A 15 -3.74 1.69 1.09
N CYS A 16 -4.23 0.60 1.65
CA CYS A 16 -5.33 0.64 2.59
C CYS A 16 -5.01 1.44 3.85
N GLU A 17 -6.01 1.77 4.60
CA GLU A 17 -5.84 2.51 5.82
C GLU A 17 -5.05 1.68 6.82
N GLY A 18 -3.96 2.25 7.29
CA GLY A 18 -3.07 1.57 8.18
C GLY A 18 -1.84 1.13 7.43
N LEU A 19 -1.95 1.11 6.12
CA LEU A 19 -0.89 0.72 5.26
C LEU A 19 -0.17 1.95 4.70
N VAL A 20 1.11 1.96 4.91
CA VAL A 20 1.99 3.03 4.48
C VAL A 20 2.40 2.80 3.05
N CYS A 21 2.35 3.83 2.24
CA CYS A 21 2.77 3.73 0.85
C CYS A 21 4.28 3.95 0.75
N ARG A 22 5.00 3.04 1.35
CA ARG A 22 6.43 3.00 1.32
C ARG A 22 6.86 2.28 0.02
N LEU A 23 8.14 1.86 -0.07
CA LEU A 23 8.65 0.92 -1.10
C LEU A 23 7.56 -0.13 -1.51
N TRP A 24 6.81 -0.59 -0.53
CA TRP A 24 5.66 -1.42 -0.73
C TRP A 24 4.66 -0.98 0.34
N CYS A 25 3.42 -1.43 0.29
CA CYS A 25 2.45 -1.00 1.28
C CYS A 25 2.71 -1.72 2.62
N LYS A 26 3.13 -0.99 3.61
CA LYS A 26 3.48 -1.60 4.87
C LYS A 26 2.34 -1.50 5.83
N ILE A 27 2.05 -2.58 6.50
CA ILE A 27 0.99 -2.62 7.47
C ILE A 27 1.43 -1.94 8.73
N ASN A 28 0.50 -1.39 9.46
CA ASN A 28 0.81 -0.68 10.69
C ASN A 28 1.27 -1.66 11.73
N NH2 A 29 0.61 -2.81 11.74
HN1 NH2 A 29 -0.15 -2.90 11.13
HN2 NH2 A 29 0.93 -3.93 12.62
N TYR A 1 -9.17 -1.73 -4.85
CA TYR A 1 -8.91 -0.39 -4.33
C TYR A 1 -7.53 -0.34 -3.68
N CYS A 2 -7.34 -1.11 -2.64
CA CYS A 2 -6.09 -1.08 -1.96
C CYS A 2 -5.29 -2.33 -2.24
N GLN A 3 -4.00 -2.19 -2.20
CA GLN A 3 -3.12 -3.30 -2.44
C GLN A 3 -2.85 -4.06 -1.15
N LYS A 4 -2.54 -5.31 -1.30
CA LYS A 4 -2.17 -6.16 -0.20
C LYS A 4 -0.74 -5.85 0.18
N PHE A 5 -0.32 -6.29 1.35
CA PHE A 5 1.02 -6.06 1.91
C PHE A 5 2.17 -6.16 0.85
N LEU A 6 2.43 -7.33 0.35
CA LEU A 6 3.52 -7.50 -0.60
C LEU A 6 3.20 -7.01 -1.99
N TRP A 7 1.97 -6.62 -2.19
CA TRP A 7 1.51 -6.07 -3.43
C TRP A 7 1.91 -4.63 -3.46
N THR A 8 2.98 -4.36 -4.14
CA THR A 8 3.44 -3.02 -4.28
C THR A 8 2.35 -2.10 -4.87
N CYS A 9 2.32 -0.91 -4.38
CA CYS A 9 1.34 0.07 -4.76
C CYS A 9 1.98 1.11 -5.65
N ASP A 10 1.21 1.67 -6.53
CA ASP A 10 1.64 2.78 -7.33
C ASP A 10 1.38 4.03 -6.52
N SER A 11 1.75 5.18 -7.02
CA SER A 11 1.54 6.40 -6.27
C SER A 11 0.04 6.71 -6.27
N GLU A 12 -0.63 6.27 -7.33
CA GLU A 12 -2.06 6.41 -7.46
C GLU A 12 -2.79 5.23 -6.87
N ARG A 13 -2.07 4.32 -6.29
CA ARG A 13 -2.67 3.15 -5.74
C ARG A 13 -2.59 3.24 -4.24
N PRO A 14 -3.70 3.34 -3.55
CA PRO A 14 -3.68 3.41 -2.12
C PRO A 14 -3.47 2.03 -1.48
N CYS A 15 -2.77 2.01 -0.39
CA CYS A 15 -2.65 0.79 0.36
C CYS A 15 -3.85 0.71 1.26
N CYS A 16 -4.13 -0.45 1.76
CA CYS A 16 -5.23 -0.62 2.68
C CYS A 16 -4.97 0.22 3.93
N GLU A 17 -6.03 0.70 4.56
CA GLU A 17 -5.89 1.58 5.71
C GLU A 17 -5.03 0.96 6.81
N GLY A 18 -3.99 1.65 7.17
CA GLY A 18 -3.07 1.15 8.15
C GLY A 18 -1.81 0.62 7.50
N LEU A 19 -1.79 0.64 6.19
CA LEU A 19 -0.66 0.19 5.43
C LEU A 19 0.05 1.36 4.72
N VAL A 20 1.37 1.31 4.71
CA VAL A 20 2.27 2.32 4.15
C VAL A 20 2.52 1.98 2.67
N CYS A 21 2.60 2.98 1.82
CA CYS A 21 2.75 2.74 0.38
C CYS A 21 4.22 2.97 -0.09
N ARG A 22 5.15 2.92 0.84
CA ARG A 22 6.56 3.08 0.49
C ARG A 22 7.10 1.77 -0.07
N LEU A 23 7.64 1.85 -1.29
CA LEU A 23 8.00 0.71 -2.24
C LEU A 23 7.01 -0.53 -2.28
N TRP A 24 6.27 -0.79 -1.25
CA TRP A 24 5.21 -1.78 -1.24
C TRP A 24 4.40 -1.52 0.00
N CYS A 25 3.23 -2.09 0.09
CA CYS A 25 2.37 -1.85 1.22
C CYS A 25 2.93 -2.48 2.51
N LYS A 26 3.30 -1.66 3.44
CA LYS A 26 3.84 -2.14 4.69
C LYS A 26 2.84 -1.95 5.77
N ILE A 27 2.92 -2.73 6.80
CA ILE A 27 1.97 -2.61 7.87
C ILE A 27 2.42 -1.60 8.92
N ASN A 28 1.68 -0.51 8.97
CA ASN A 28 1.89 0.55 9.95
C ASN A 28 1.02 0.23 11.15
N NH2 A 29 -0.10 -0.39 10.87
HN1 NH2 A 29 -0.30 -0.56 9.92
HN2 NH2 A 29 -1.05 -0.80 11.86
N TYR A 1 -10.15 -2.25 -3.00
CA TYR A 1 -9.98 -0.92 -3.58
C TYR A 1 -8.53 -0.44 -3.45
N CYS A 2 -7.62 -1.37 -3.25
CA CYS A 2 -6.24 -1.01 -3.00
C CYS A 2 -5.34 -2.21 -3.24
N GLN A 3 -4.05 -2.04 -3.03
CA GLN A 3 -3.09 -3.12 -3.23
C GLN A 3 -2.96 -3.94 -1.93
N LYS A 4 -2.37 -5.10 -2.04
CA LYS A 4 -2.16 -5.96 -0.90
C LYS A 4 -0.79 -5.63 -0.33
N PHE A 5 -0.52 -6.09 0.88
CA PHE A 5 0.74 -5.88 1.59
C PHE A 5 2.00 -6.02 0.68
N LEU A 6 2.25 -7.20 0.16
CA LEU A 6 3.44 -7.40 -0.68
C LEU A 6 3.28 -6.82 -2.08
N TRP A 7 2.09 -6.40 -2.39
CA TRP A 7 1.79 -5.80 -3.67
C TRP A 7 2.15 -4.34 -3.63
N THR A 8 3.33 -4.04 -4.11
CA THR A 8 3.82 -2.68 -4.20
C THR A 8 2.77 -1.73 -4.82
N CYS A 9 2.54 -0.64 -4.13
CA CYS A 9 1.59 0.32 -4.57
C CYS A 9 2.25 1.37 -5.43
N ASP A 10 1.50 1.86 -6.38
CA ASP A 10 1.97 2.83 -7.34
C ASP A 10 1.79 4.23 -6.76
N SER A 11 2.14 5.24 -7.49
CA SER A 11 1.99 6.59 -7.03
C SER A 11 0.56 7.07 -7.26
N GLU A 12 -0.09 6.49 -8.26
CA GLU A 12 -1.45 6.84 -8.58
C GLU A 12 -2.38 5.87 -7.84
N ARG A 13 -1.89 4.68 -7.58
CA ARG A 13 -2.68 3.65 -6.95
C ARG A 13 -2.38 3.65 -5.43
N PRO A 14 -3.38 3.99 -4.60
CA PRO A 14 -3.20 4.08 -3.15
C PRO A 14 -3.21 2.71 -2.46
N CYS A 15 -2.80 2.67 -1.22
CA CYS A 15 -2.78 1.47 -0.48
C CYS A 15 -4.00 1.44 0.42
N CYS A 16 -4.26 0.30 1.00
CA CYS A 16 -5.38 0.10 1.89
C CYS A 16 -5.23 0.94 3.16
N GLU A 17 -6.36 1.27 3.76
CA GLU A 17 -6.38 2.11 4.93
C GLU A 17 -5.76 1.38 6.11
N GLY A 18 -4.75 1.96 6.67
CA GLY A 18 -4.03 1.35 7.75
C GLY A 18 -2.70 0.84 7.28
N LEU A 19 -2.51 0.89 5.98
CA LEU A 19 -1.28 0.50 5.37
C LEU A 19 -0.57 1.73 4.87
N VAL A 20 0.72 1.65 4.81
CA VAL A 20 1.55 2.74 4.40
C VAL A 20 2.03 2.43 2.99
N CYS A 21 1.91 3.38 2.11
CA CYS A 21 2.20 3.16 0.71
C CYS A 21 3.64 3.56 0.36
N ARG A 22 4.58 2.91 1.01
CA ARG A 22 5.99 3.07 0.74
C ARG A 22 6.40 2.14 -0.41
N LEU A 23 7.70 1.75 -0.45
CA LEU A 23 8.27 0.73 -1.39
C LEU A 23 7.25 -0.35 -1.76
N TRP A 24 6.58 -0.86 -0.76
CA TRP A 24 5.49 -1.76 -0.94
C TRP A 24 4.48 -1.41 0.14
N CYS A 25 3.35 -2.04 0.15
CA CYS A 25 2.35 -1.75 1.16
C CYS A 25 2.76 -2.32 2.49
N LYS A 26 3.02 -1.46 3.41
CA LYS A 26 3.43 -1.90 4.70
C LYS A 26 2.29 -1.73 5.65
N ILE A 27 2.14 -2.68 6.53
CA ILE A 27 1.10 -2.61 7.53
C ILE A 27 1.55 -1.71 8.65
N ASN A 28 0.61 -1.27 9.44
CA ASN A 28 0.92 -0.37 10.52
C ASN A 28 1.63 -1.12 11.64
N NH2 A 29 2.91 -0.89 11.77
HN1 NH2 A 29 3.32 -0.24 11.17
HN2 NH2 A 29 3.73 -1.56 12.75
N TYR A 1 -10.99 0.10 -1.83
CA TYR A 1 -9.99 -0.52 -2.68
C TYR A 1 -8.60 -0.09 -2.27
N CYS A 2 -7.70 -1.03 -2.15
CA CYS A 2 -6.34 -0.76 -1.83
C CYS A 2 -5.53 -1.96 -2.32
N GLN A 3 -4.22 -1.87 -2.32
CA GLN A 3 -3.40 -3.00 -2.67
C GLN A 3 -3.16 -3.83 -1.43
N LYS A 4 -2.78 -5.05 -1.63
CA LYS A 4 -2.51 -5.92 -0.54
C LYS A 4 -1.10 -5.66 -0.05
N PHE A 5 -0.77 -6.14 1.14
CA PHE A 5 0.54 -5.93 1.77
C PHE A 5 1.73 -6.16 0.80
N LEU A 6 1.91 -7.38 0.33
CA LEU A 6 3.04 -7.65 -0.56
C LEU A 6 2.85 -7.12 -1.97
N TRP A 7 1.68 -6.61 -2.25
CA TRP A 7 1.37 -6.06 -3.53
C TRP A 7 1.89 -4.64 -3.58
N THR A 8 3.01 -4.46 -4.22
CA THR A 8 3.58 -3.16 -4.42
C THR A 8 2.55 -2.19 -5.04
N CYS A 9 2.40 -1.07 -4.41
CA CYS A 9 1.42 -0.11 -4.79
C CYS A 9 2.05 1.03 -5.57
N ASP A 10 1.29 1.63 -6.44
CA ASP A 10 1.72 2.80 -7.19
C ASP A 10 1.51 4.00 -6.29
N SER A 11 2.30 5.04 -6.45
CA SER A 11 2.16 6.23 -5.61
C SER A 11 0.80 6.91 -5.86
N GLU A 12 0.29 6.74 -7.08
CA GLU A 12 -1.00 7.26 -7.49
C GLU A 12 -2.13 6.45 -6.83
N ARG A 13 -1.79 5.27 -6.37
CA ARG A 13 -2.77 4.35 -5.87
C ARG A 13 -2.67 4.25 -4.34
N PRO A 14 -3.76 4.52 -3.63
CA PRO A 14 -3.79 4.49 -2.17
C PRO A 14 -3.75 3.06 -1.61
N CYS A 15 -3.28 2.93 -0.41
CA CYS A 15 -3.24 1.67 0.25
C CYS A 15 -4.26 1.74 1.39
N CYS A 16 -4.56 0.62 2.00
CA CYS A 16 -5.52 0.59 3.09
C CYS A 16 -5.00 1.37 4.29
N GLU A 17 -5.92 1.97 5.03
CA GLU A 17 -5.56 2.74 6.22
C GLU A 17 -4.83 1.85 7.23
N GLY A 18 -3.70 2.30 7.69
CA GLY A 18 -2.89 1.51 8.57
C GLY A 18 -1.71 0.96 7.81
N LEU A 19 -1.85 0.91 6.52
CA LEU A 19 -0.84 0.49 5.60
C LEU A 19 -0.32 1.71 4.89
N VAL A 20 0.95 1.78 4.69
CA VAL A 20 1.55 2.90 4.03
C VAL A 20 2.10 2.47 2.70
N CYS A 21 1.84 3.25 1.70
CA CYS A 21 2.21 2.94 0.34
C CYS A 21 3.65 3.36 0.04
N ARG A 22 4.56 2.65 0.64
CA ARG A 22 5.98 2.79 0.36
C ARG A 22 6.31 1.93 -0.86
N LEU A 23 7.57 1.47 -0.94
CA LEU A 23 8.04 0.44 -1.91
C LEU A 23 6.91 -0.56 -2.22
N TRP A 24 6.31 -1.08 -1.17
CA TRP A 24 5.15 -1.94 -1.25
C TRP A 24 4.24 -1.51 -0.11
N CYS A 25 3.04 -2.04 -0.07
CA CYS A 25 2.14 -1.71 1.02
C CYS A 25 2.63 -2.32 2.31
N LYS A 26 3.02 -1.52 3.24
CA LYS A 26 3.52 -2.04 4.46
C LYS A 26 2.71 -1.59 5.64
N ILE A 27 2.37 -2.56 6.45
CA ILE A 27 1.56 -2.37 7.63
C ILE A 27 2.36 -1.58 8.67
N ASN A 28 1.77 -0.58 9.26
CA ASN A 28 2.50 0.22 10.23
C ASN A 28 2.75 -0.60 11.50
N NH2 A 29 3.81 -0.29 12.16
HN1 NH2 A 29 4.40 0.42 11.83
HN2 NH2 A 29 4.15 -0.96 13.39
N TYR A 1 -10.77 0.21 -2.33
CA TYR A 1 -9.84 -0.55 -3.16
C TYR A 1 -8.44 -0.23 -2.70
N CYS A 2 -7.67 -1.22 -2.34
CA CYS A 2 -6.34 -0.98 -1.87
C CYS A 2 -5.43 -2.18 -2.12
N GLN A 3 -4.13 -1.99 -1.97
CA GLN A 3 -3.18 -3.07 -2.21
C GLN A 3 -2.93 -3.92 -0.97
N LYS A 4 -2.46 -5.12 -1.22
CA LYS A 4 -2.08 -6.08 -0.21
C LYS A 4 -0.66 -5.71 0.22
N PHE A 5 -0.21 -6.27 1.32
CA PHE A 5 1.13 -5.99 1.87
C PHE A 5 2.27 -6.07 0.81
N LEU A 6 2.57 -7.25 0.29
CA LEU A 6 3.68 -7.34 -0.68
C LEU A 6 3.31 -6.74 -2.04
N TRP A 7 2.06 -6.40 -2.19
CA TRP A 7 1.56 -5.76 -3.38
C TRP A 7 1.99 -4.33 -3.38
N THR A 8 3.00 -4.06 -4.14
CA THR A 8 3.50 -2.74 -4.34
C THR A 8 2.38 -1.79 -4.82
N CYS A 9 2.29 -0.68 -4.18
CA CYS A 9 1.29 0.29 -4.50
C CYS A 9 1.90 1.39 -5.32
N ASP A 10 1.12 1.94 -6.19
CA ASP A 10 1.50 3.10 -6.96
C ASP A 10 1.11 4.30 -6.15
N SER A 11 1.62 5.46 -6.47
CA SER A 11 1.20 6.66 -5.77
C SER A 11 -0.23 7.01 -6.16
N GLU A 12 -0.65 6.43 -7.27
CA GLU A 12 -1.99 6.56 -7.80
C GLU A 12 -2.89 5.50 -7.17
N ARG A 13 -2.30 4.66 -6.33
CA ARG A 13 -3.01 3.54 -5.75
C ARG A 13 -3.09 3.73 -4.24
N PRO A 14 -4.27 3.90 -3.68
CA PRO A 14 -4.45 3.96 -2.24
C PRO A 14 -4.09 2.63 -1.60
N CYS A 15 -3.44 2.66 -0.46
CA CYS A 15 -3.15 1.46 0.23
C CYS A 15 -4.17 1.37 1.33
N CYS A 16 -4.33 0.21 1.87
CA CYS A 16 -5.32 -0.03 2.89
C CYS A 16 -4.99 0.78 4.14
N GLU A 17 -6.00 1.26 4.83
CA GLU A 17 -5.77 2.02 6.04
C GLU A 17 -5.03 1.21 7.08
N GLY A 18 -3.96 1.76 7.58
CA GLY A 18 -3.11 1.06 8.49
C GLY A 18 -1.84 0.61 7.80
N LEU A 19 -1.84 0.74 6.49
CA LEU A 19 -0.70 0.43 5.69
C LEU A 19 -0.09 1.69 5.11
N VAL A 20 1.18 1.62 4.82
CA VAL A 20 1.93 2.76 4.33
C VAL A 20 2.29 2.47 2.88
N CYS A 21 2.03 3.40 2.01
CA CYS A 21 2.26 3.20 0.60
C CYS A 21 3.68 3.64 0.19
N ARG A 22 4.67 2.98 0.74
CA ARG A 22 6.05 3.16 0.32
C ARG A 22 6.35 2.26 -0.89
N LEU A 23 7.64 1.91 -1.11
CA LEU A 23 8.07 0.95 -2.17
C LEU A 23 7.01 -0.15 -2.41
N TRP A 24 6.55 -0.74 -1.34
CA TRP A 24 5.45 -1.66 -1.36
C TRP A 24 4.56 -1.29 -0.15
N CYS A 25 3.39 -1.88 -0.04
CA CYS A 25 2.53 -1.57 1.08
C CYS A 25 3.05 -2.20 2.36
N LYS A 26 3.46 -1.39 3.28
CA LYS A 26 3.98 -1.91 4.50
C LYS A 26 3.03 -1.68 5.64
N ILE A 27 2.98 -2.61 6.53
CA ILE A 27 2.11 -2.53 7.68
C ILE A 27 2.66 -1.54 8.70
N ASN A 28 1.82 -0.66 9.17
CA ASN A 28 2.22 0.35 10.13
C ASN A 28 2.25 -0.28 11.51
N NH2 A 29 1.21 -1.02 11.81
HN1 NH2 A 29 0.53 -1.19 11.13
HN2 NH2 A 29 1.08 -1.65 13.10
N TYR A 1 -9.77 -2.43 -4.27
CA TYR A 1 -9.92 -1.49 -3.16
C TYR A 1 -8.59 -0.78 -2.87
N CYS A 2 -7.51 -1.55 -2.77
CA CYS A 2 -6.19 -1.02 -2.57
C CYS A 2 -5.21 -2.11 -2.96
N GLN A 3 -3.93 -1.87 -2.79
CA GLN A 3 -2.94 -2.89 -3.03
C GLN A 3 -2.73 -3.70 -1.76
N LYS A 4 -2.38 -4.96 -1.92
CA LYS A 4 -2.11 -5.82 -0.80
C LYS A 4 -0.71 -5.53 -0.28
N PHE A 5 -0.42 -6.01 0.91
CA PHE A 5 0.87 -5.80 1.61
C PHE A 5 2.11 -5.89 0.69
N LEU A 6 2.39 -7.05 0.16
CA LEU A 6 3.57 -7.23 -0.68
C LEU A 6 3.41 -6.66 -2.08
N TRP A 7 2.22 -6.22 -2.38
CA TRP A 7 1.91 -5.62 -3.64
C TRP A 7 2.34 -4.17 -3.58
N THR A 8 3.41 -3.87 -4.25
CA THR A 8 3.89 -2.51 -4.36
C THR A 8 2.75 -1.54 -4.78
N CYS A 9 2.63 -0.47 -4.02
CA CYS A 9 1.61 0.50 -4.25
C CYS A 9 2.16 1.63 -5.08
N ASP A 10 1.29 2.33 -5.74
CA ASP A 10 1.68 3.34 -6.70
C ASP A 10 1.14 4.70 -6.21
N SER A 11 1.16 5.69 -7.05
CA SER A 11 0.67 6.98 -6.71
C SER A 11 -0.79 7.07 -7.20
N GLU A 12 -1.14 6.19 -8.14
CA GLU A 12 -2.49 6.14 -8.67
C GLU A 12 -3.25 5.08 -7.90
N ARG A 13 -2.52 4.14 -7.40
CA ARG A 13 -3.08 3.08 -6.62
C ARG A 13 -2.55 3.19 -5.21
N PRO A 14 -3.42 3.51 -4.25
CA PRO A 14 -3.04 3.70 -2.88
C PRO A 14 -3.10 2.43 -2.06
N CYS A 15 -2.53 2.47 -0.90
CA CYS A 15 -2.59 1.37 -0.02
C CYS A 15 -3.78 1.64 0.89
N CYS A 16 -4.32 0.61 1.50
CA CYS A 16 -5.46 0.76 2.39
C CYS A 16 -5.14 1.67 3.57
N GLU A 17 -6.13 2.43 4.04
CA GLU A 17 -5.92 3.33 5.15
C GLU A 17 -5.54 2.54 6.38
N GLY A 18 -4.44 2.91 6.96
CA GLY A 18 -3.88 2.21 8.09
C GLY A 18 -2.61 1.54 7.67
N LEU A 19 -2.50 1.32 6.39
CA LEU A 19 -1.33 0.76 5.79
C LEU A 19 -0.50 1.90 5.23
N VAL A 20 0.78 1.72 5.21
CA VAL A 20 1.68 2.75 4.76
C VAL A 20 2.11 2.43 3.35
N CYS A 21 1.98 3.38 2.49
CA CYS A 21 2.30 3.20 1.11
C CYS A 21 3.72 3.65 0.81
N ARG A 22 4.67 2.86 1.25
CA ARG A 22 6.07 3.06 0.90
C ARG A 22 6.31 2.39 -0.45
N LEU A 23 7.58 2.09 -0.75
CA LEU A 23 7.99 1.23 -1.89
C LEU A 23 6.92 0.16 -2.18
N TRP A 24 6.52 -0.53 -1.13
CA TRP A 24 5.43 -1.45 -1.18
C TRP A 24 4.56 -1.19 0.04
N CYS A 25 3.43 -1.83 0.12
CA CYS A 25 2.51 -1.67 1.21
C CYS A 25 3.03 -2.23 2.52
N LYS A 26 2.93 -1.47 3.56
CA LYS A 26 3.33 -1.93 4.84
C LYS A 26 2.18 -1.83 5.80
N ILE A 27 1.97 -2.85 6.56
CA ILE A 27 0.92 -2.84 7.56
C ILE A 27 1.36 -2.08 8.79
N ASN A 28 0.44 -1.63 9.56
CA ASN A 28 0.74 -0.94 10.78
C ASN A 28 0.57 -1.91 11.93
N NH2 A 29 1.66 -2.46 12.38
HN1 NH2 A 29 2.54 -2.21 12.00
HN2 NH2 A 29 1.66 -3.44 13.45
N TYR A 1 -9.80 -1.18 -4.30
CA TYR A 1 -9.83 -0.08 -3.35
C TYR A 1 -8.42 0.32 -2.98
N CYS A 2 -7.53 -0.65 -2.93
CA CYS A 2 -6.18 -0.40 -2.51
C CYS A 2 -5.27 -1.56 -2.86
N GLN A 3 -3.99 -1.29 -2.87
CA GLN A 3 -3.01 -2.30 -3.10
C GLN A 3 -2.67 -2.96 -1.79
N LYS A 4 -2.55 -4.25 -1.86
CA LYS A 4 -2.25 -5.10 -0.75
C LYS A 4 -0.78 -5.03 -0.39
N PHE A 5 -0.46 -5.55 0.78
CA PHE A 5 0.89 -5.55 1.37
C PHE A 5 2.04 -5.71 0.33
N LEU A 6 2.16 -6.87 -0.21
CA LEU A 6 3.22 -7.17 -1.14
C LEU A 6 2.93 -6.71 -2.56
N TRP A 7 1.72 -6.23 -2.78
CA TRP A 7 1.26 -5.75 -4.10
C TRP A 7 1.93 -4.47 -4.48
N THR A 8 2.46 -3.83 -3.48
CA THR A 8 3.14 -2.56 -3.51
C THR A 8 2.20 -1.42 -3.96
N CYS A 9 2.51 -0.21 -3.62
CA CYS A 9 1.67 0.87 -4.03
C CYS A 9 2.28 1.59 -5.18
N ASP A 10 1.47 2.27 -5.93
CA ASP A 10 1.91 3.02 -7.06
C ASP A 10 1.66 4.47 -6.79
N SER A 11 2.06 5.32 -7.67
CA SER A 11 1.80 6.74 -7.51
C SER A 11 0.32 7.05 -7.82
N GLU A 12 -0.39 6.06 -8.34
CA GLU A 12 -1.78 6.21 -8.68
C GLU A 12 -2.64 5.34 -7.77
N ARG A 13 -2.06 4.28 -7.26
CA ARG A 13 -2.78 3.33 -6.44
C ARG A 13 -2.26 3.34 -5.00
N PRO A 14 -3.12 3.73 -4.04
CA PRO A 14 -2.77 3.78 -2.63
C PRO A 14 -2.87 2.42 -1.92
N CYS A 15 -2.33 2.35 -0.73
CA CYS A 15 -2.35 1.15 0.07
C CYS A 15 -3.58 1.12 0.93
N CYS A 16 -3.96 -0.06 1.32
CA CYS A 16 -5.07 -0.31 2.22
C CYS A 16 -4.86 0.36 3.57
N GLU A 17 -5.94 0.61 4.27
CA GLU A 17 -5.89 1.22 5.60
C GLU A 17 -5.07 0.35 6.53
N GLY A 18 -4.10 0.93 7.15
CA GLY A 18 -3.25 0.20 8.04
C GLY A 18 -1.93 -0.08 7.38
N LEU A 19 -1.91 0.07 6.09
CA LEU A 19 -0.75 -0.15 5.28
C LEU A 19 -0.27 1.18 4.73
N VAL A 20 0.96 1.50 5.00
CA VAL A 20 1.54 2.74 4.53
C VAL A 20 2.19 2.54 3.17
N CYS A 21 2.11 3.56 2.34
CA CYS A 21 2.59 3.50 0.98
C CYS A 21 4.09 3.78 0.88
N ARG A 22 4.87 2.88 1.41
CA ARG A 22 6.30 2.89 1.24
C ARG A 22 6.65 2.19 -0.07
N LEU A 23 7.92 1.81 -0.22
CA LEU A 23 8.38 0.88 -1.30
C LEU A 23 7.29 -0.14 -1.68
N TRP A 24 6.73 -0.75 -0.66
CA TRP A 24 5.61 -1.63 -0.81
C TRP A 24 4.63 -1.25 0.28
N CYS A 25 3.44 -1.80 0.26
CA CYS A 25 2.48 -1.46 1.26
C CYS A 25 2.79 -2.24 2.50
N LYS A 26 3.17 -1.58 3.54
CA LYS A 26 3.53 -2.29 4.71
C LYS A 26 2.63 -1.96 5.84
N ILE A 27 2.26 -2.97 6.56
CA ILE A 27 1.40 -2.85 7.71
C ILE A 27 2.08 -1.99 8.78
N ASN A 28 1.48 -0.89 9.07
CA ASN A 28 2.03 0.03 10.03
C ASN A 28 1.68 -0.42 11.41
N NH2 A 29 2.67 -0.85 12.12
HN1 NH2 A 29 3.58 -0.79 11.75
HN2 NH2 A 29 2.49 -1.38 13.44
N TYR A 1 -10.59 0.32 -3.66
CA TYR A 1 -9.83 -0.88 -3.38
C TYR A 1 -8.37 -0.53 -3.23
N CYS A 2 -7.77 -1.00 -2.19
CA CYS A 2 -6.41 -0.67 -1.87
C CYS A 2 -5.46 -1.78 -2.26
N GLN A 3 -4.18 -1.50 -2.14
CA GLN A 3 -3.16 -2.48 -2.38
C GLN A 3 -2.87 -3.23 -1.09
N LYS A 4 -2.64 -4.51 -1.25
CA LYS A 4 -2.33 -5.42 -0.16
C LYS A 4 -0.90 -5.19 0.33
N PHE A 5 -0.58 -5.74 1.48
CA PHE A 5 0.74 -5.61 2.12
C PHE A 5 1.94 -5.75 1.13
N LEU A 6 2.18 -6.95 0.59
CA LEU A 6 3.35 -7.13 -0.30
C LEU A 6 3.16 -6.44 -1.65
N TRP A 7 1.97 -5.98 -1.88
CA TRP A 7 1.62 -5.29 -3.08
C TRP A 7 2.06 -3.87 -2.98
N THR A 8 3.03 -3.54 -3.74
CA THR A 8 3.47 -2.18 -3.84
C THR A 8 2.33 -1.27 -4.27
N CYS A 9 2.25 -0.15 -3.61
CA CYS A 9 1.32 0.85 -3.97
C CYS A 9 1.82 1.54 -5.22
N ASP A 10 0.92 2.06 -5.98
CA ASP A 10 1.27 2.72 -7.19
C ASP A 10 1.13 4.20 -6.90
N SER A 11 1.35 5.01 -7.85
CA SER A 11 1.14 6.41 -7.67
C SER A 11 -0.37 6.67 -7.69
N GLU A 12 -1.10 5.81 -8.40
CA GLU A 12 -2.54 5.97 -8.54
C GLU A 12 -3.26 5.00 -7.63
N ARG A 13 -2.51 4.09 -7.04
CA ARG A 13 -3.08 3.05 -6.20
C ARG A 13 -2.57 3.17 -4.78
N PRO A 14 -3.46 3.47 -3.84
CA PRO A 14 -3.09 3.62 -2.44
C PRO A 14 -3.09 2.29 -1.68
N CYS A 15 -2.49 2.29 -0.52
CA CYS A 15 -2.46 1.14 0.34
C CYS A 15 -3.68 1.15 1.21
N CYS A 16 -3.99 0.02 1.79
CA CYS A 16 -5.07 -0.09 2.75
C CYS A 16 -4.77 0.76 3.99
N GLU A 17 -5.77 0.98 4.82
CA GLU A 17 -5.62 1.86 5.94
C GLU A 17 -4.71 1.24 6.99
N GLY A 18 -3.69 1.98 7.36
CA GLY A 18 -2.72 1.48 8.30
C GLY A 18 -1.52 0.92 7.59
N LEU A 19 -1.61 0.84 6.29
CA LEU A 19 -0.53 0.38 5.47
C LEU A 19 0.19 1.57 4.85
N VAL A 20 1.45 1.70 5.15
CA VAL A 20 2.27 2.81 4.68
C VAL A 20 2.65 2.56 3.23
N CYS A 21 2.50 3.57 2.40
CA CYS A 21 2.76 3.46 0.97
C CYS A 21 4.25 3.70 0.66
N ARG A 22 5.08 2.83 1.21
CA ARG A 22 6.51 2.81 0.95
C ARG A 22 6.77 2.01 -0.33
N LEU A 23 8.03 1.54 -0.49
CA LEU A 23 8.44 0.53 -1.49
C LEU A 23 7.32 -0.47 -1.76
N TRP A 24 6.69 -0.91 -0.69
CA TRP A 24 5.52 -1.72 -0.76
C TRP A 24 4.62 -1.25 0.40
N CYS A 25 3.41 -1.75 0.46
CA CYS A 25 2.51 -1.32 1.50
C CYS A 25 2.87 -2.01 2.82
N LYS A 26 3.32 -1.24 3.79
CA LYS A 26 3.76 -1.83 5.03
C LYS A 26 2.73 -1.70 6.09
N ILE A 27 2.45 -2.78 6.78
CA ILE A 27 1.50 -2.75 7.87
C ILE A 27 2.13 -2.00 9.05
N ASN A 28 1.53 -0.90 9.42
CA ASN A 28 1.99 -0.12 10.55
C ASN A 28 1.34 -0.62 11.81
N NH2 A 29 2.08 -1.42 12.54
HN1 NH2 A 29 2.99 -1.64 12.25
HN2 NH2 A 29 1.56 -1.96 13.78
N TYR A 1 -9.69 1.66 -3.71
CA TYR A 1 -9.02 0.38 -3.75
C TYR A 1 -7.73 0.49 -3.00
N CYS A 2 -7.44 -0.47 -2.17
CA CYS A 2 -6.21 -0.43 -1.46
C CYS A 2 -5.34 -1.59 -1.80
N GLN A 3 -4.07 -1.36 -1.77
CA GLN A 3 -3.09 -2.38 -2.05
C GLN A 3 -2.77 -3.13 -0.79
N LYS A 4 -2.56 -4.42 -0.97
CA LYS A 4 -2.18 -5.33 0.09
C LYS A 4 -0.75 -5.07 0.49
N PHE A 5 -0.36 -5.61 1.62
CA PHE A 5 1.00 -5.46 2.16
C PHE A 5 2.10 -5.64 1.09
N LEU A 6 2.21 -6.82 0.55
CA LEU A 6 3.24 -7.11 -0.42
C LEU A 6 2.93 -6.51 -1.79
N TRP A 7 1.75 -5.97 -1.94
CA TRP A 7 1.33 -5.36 -3.16
C TRP A 7 1.82 -3.94 -3.20
N THR A 8 2.95 -3.75 -3.83
CA THR A 8 3.52 -2.45 -3.97
C THR A 8 2.52 -1.46 -4.63
N CYS A 9 2.36 -0.35 -3.99
CA CYS A 9 1.41 0.67 -4.36
C CYS A 9 1.86 1.47 -5.57
N ASP A 10 0.89 2.06 -6.24
CA ASP A 10 1.14 2.93 -7.38
C ASP A 10 1.05 4.35 -6.86
N SER A 11 1.49 5.31 -7.64
CA SER A 11 1.47 6.71 -7.20
C SER A 11 0.03 7.23 -7.04
N GLU A 12 -0.88 6.61 -7.75
CA GLU A 12 -2.28 6.97 -7.66
C GLU A 12 -3.05 5.98 -6.78
N ARG A 13 -2.43 4.87 -6.45
CA ARG A 13 -3.16 3.82 -5.77
C ARG A 13 -2.62 3.65 -4.36
N PRO A 14 -3.45 3.94 -3.34
CA PRO A 14 -3.04 3.87 -1.95
C PRO A 14 -3.07 2.45 -1.37
N CYS A 15 -2.47 2.30 -0.23
CA CYS A 15 -2.42 1.08 0.49
C CYS A 15 -3.59 1.01 1.44
N CYS A 16 -3.91 -0.18 1.89
CA CYS A 16 -4.98 -0.41 2.85
C CYS A 16 -4.82 0.38 4.16
N GLU A 17 -5.90 0.47 4.90
CA GLU A 17 -5.96 1.26 6.12
C GLU A 17 -5.02 0.72 7.19
N GLY A 18 -4.00 1.49 7.48
CA GLY A 18 -3.01 1.08 8.43
C GLY A 18 -1.71 0.74 7.74
N LEU A 19 -1.73 0.76 6.44
CA LEU A 19 -0.59 0.46 5.64
C LEU A 19 0.00 1.73 5.05
N VAL A 20 1.30 1.80 4.97
CA VAL A 20 1.99 2.95 4.39
C VAL A 20 2.61 2.61 3.02
N CYS A 21 2.56 3.54 2.10
CA CYS A 21 3.01 3.34 0.74
C CYS A 21 4.52 3.60 0.57
N ARG A 22 5.30 2.75 1.17
CA ARG A 22 6.74 2.75 0.97
C ARG A 22 7.06 1.89 -0.27
N LEU A 23 8.30 1.33 -0.35
CA LEU A 23 8.71 0.32 -1.38
C LEU A 23 7.53 -0.58 -1.80
N TRP A 24 6.87 -1.08 -0.81
CA TRP A 24 5.64 -1.79 -0.95
C TRP A 24 4.80 -1.35 0.22
N CYS A 25 3.58 -1.77 0.31
CA CYS A 25 2.74 -1.32 1.39
C CYS A 25 3.18 -1.96 2.69
N LYS A 26 3.68 -1.17 3.57
CA LYS A 26 4.19 -1.67 4.82
C LYS A 26 3.11 -1.59 5.85
N ILE A 27 2.94 -2.64 6.61
CA ILE A 27 1.90 -2.67 7.60
C ILE A 27 2.33 -1.95 8.87
N ASN A 28 1.71 -0.82 9.10
CA ASN A 28 1.98 -0.06 10.29
C ASN A 28 1.00 -0.49 11.35
N NH2 A 29 -0.24 -0.59 10.94
HN1 NH2 A 29 -0.45 -0.30 10.02
HN2 NH2 A 29 -1.34 -1.10 11.76
#